data_4MC8
#
_entry.id   4MC8
#
_cell.length_a   80.770
_cell.length_b   80.770
_cell.length_c   271.960
_cell.angle_alpha   90.00
_cell.angle_beta   90.00
_cell.angle_gamma   120.00
#
_symmetry.space_group_name_H-M   'P 65 2 2'
#
loop_
_entity.id
_entity.type
_entity.pdbx_description
1 polymer 'Putative sesquiterpene cyclase'
2 non-polymer '4-(2-HYDROXYETHYL)-1-PIPERAZINE ETHANESULFONIC ACID'
3 water water
#
_entity_poly.entity_id   1
_entity_poly.type   'polypeptide(L)'
_entity_poly.pdbx_seq_one_letter_code
;MAEFEIPDFYVPFPLECNPHLEEASRAMWEWIDANGLAPTERARDRMRRTGADLSGAYVWPRADLDTLTIGLKWIALTFR
IDDQIDEDDTAERLPARMTAIDELRGTLHGLPVSGRSPTARALGALWQETALGRPATWCDAFIGHFEAFLQTYTTEAGLN
AHGAGLRLDDYLDRRMYSVGMPWLWDLDELRLPIFLPGSVRTCGPMNKLRRAGALHIALVNDVFSVERETLVGYQHNAVT
IIREAQGCSLQEAVDQVAVLVEAQLHTVLQARQELLEELDRQALPSRAREAAVDYAANVAANLSGQLVWHSSVERYAVDD
LQSAADPRATPTTSSLGILEHHHHHH
;
_entity_poly.pdbx_strand_id   A
#
loop_
_chem_comp.id
_chem_comp.type
_chem_comp.name
_chem_comp.formula
EPE non-polymer '4-(2-HYDROXYETHYL)-1-PIPERAZINE ETHANESULFONIC ACID' 'C8 H18 N2 O4 S'
#
# COMPACT_ATOMS: atom_id res chain seq x y z
N GLU A 3 -5.66 -27.65 -1.54
CA GLU A 3 -6.74 -27.33 -0.56
C GLU A 3 -6.22 -27.28 0.87
N PHE A 4 -6.44 -26.15 1.53
CA PHE A 4 -6.03 -25.95 2.92
C PHE A 4 -7.08 -25.16 3.72
N GLU A 5 -6.97 -25.21 5.05
CA GLU A 5 -7.83 -24.39 5.90
C GLU A 5 -7.22 -23.01 6.14
N ILE A 6 -7.84 -22.01 5.54
CA ILE A 6 -7.39 -20.63 5.64
C ILE A 6 -7.70 -20.09 7.05
N PRO A 7 -6.67 -19.59 7.77
CA PRO A 7 -6.82 -19.14 9.16
C PRO A 7 -7.87 -18.07 9.36
N ASP A 8 -8.55 -18.12 10.50
CA ASP A 8 -9.57 -17.16 10.88
C ASP A 8 -8.89 -16.03 11.67
N PHE A 9 -8.13 -15.20 10.95
CA PHE A 9 -7.27 -14.17 11.55
C PHE A 9 -8.05 -13.23 12.46
N TYR A 10 -7.60 -13.09 13.71
CA TYR A 10 -8.21 -12.11 14.60
C TYR A 10 -7.42 -10.82 14.62
N VAL A 11 -8.11 -9.68 14.43
CA VAL A 11 -7.48 -8.32 14.48
C VAL A 11 -8.45 -7.48 15.33
N PRO A 12 -7.96 -6.87 16.44
CA PRO A 12 -8.89 -6.29 17.45
C PRO A 12 -9.54 -4.97 17.06
N PHE A 13 -8.90 -4.21 16.17
CA PHE A 13 -9.26 -2.81 15.86
C PHE A 13 -10.65 -2.68 15.20
N PRO A 14 -11.45 -1.67 15.60
CA PRO A 14 -12.79 -1.47 15.00
C PRO A 14 -12.81 -1.33 13.45
N LEU A 15 -13.90 -1.82 12.85
CA LEU A 15 -14.11 -1.75 11.41
C LEU A 15 -14.54 -0.36 10.98
N GLU A 16 -13.85 0.19 9.99
CA GLU A 16 -14.12 1.54 9.49
C GLU A 16 -14.10 1.51 7.97
N CYS A 17 -15.07 2.16 7.35
CA CYS A 17 -15.16 2.23 5.88
C CYS A 17 -15.60 3.61 5.44
N ASN A 18 -14.92 4.20 4.45
CA ASN A 18 -15.25 5.55 3.97
C ASN A 18 -16.66 5.63 3.33
N PRO A 19 -17.53 6.51 3.88
CA PRO A 19 -18.90 6.66 3.37
C PRO A 19 -18.99 7.47 2.06
N HIS A 20 -17.87 8.00 1.58
CA HIS A 20 -17.86 8.75 0.31
C HIS A 20 -17.53 7.86 -0.90
N LEU A 21 -17.55 6.54 -0.70
CA LEU A 21 -17.13 5.58 -1.73
C LEU A 21 -17.77 5.79 -3.11
N GLU A 22 -19.10 5.79 -3.16
CA GLU A 22 -19.83 5.91 -4.42
C GLU A 22 -19.43 7.14 -5.21
N GLU A 23 -19.40 8.28 -4.53
CA GLU A 23 -19.08 9.55 -5.16
C GLU A 23 -17.63 9.59 -5.66
N ALA A 24 -16.71 9.04 -4.86
CA ALA A 24 -15.30 8.98 -5.25
C ALA A 24 -15.04 8.00 -6.39
N SER A 25 -15.73 6.87 -6.38
CA SER A 25 -15.56 5.82 -7.38
C SER A 25 -15.98 6.28 -8.78
N ARG A 26 -17.10 7.03 -8.85
CA ARG A 26 -17.55 7.63 -10.11
C ARG A 26 -16.50 8.60 -10.65
N ALA A 27 -15.91 9.38 -9.75
CA ALA A 27 -14.82 10.29 -10.12
C ALA A 27 -13.57 9.54 -10.59
N MET A 28 -13.29 8.38 -9.97
CA MET A 28 -12.15 7.54 -10.37
C MET A 28 -12.31 7.06 -11.82
N TRP A 29 -13.43 6.38 -12.10
CA TRP A 29 -13.71 5.86 -13.43
C TRP A 29 -13.73 6.96 -14.49
N GLU A 30 -14.28 8.12 -14.13
CA GLU A 30 -14.29 9.31 -14.99
C GLU A 30 -12.86 9.73 -15.34
N TRP A 31 -11.97 9.72 -14.34
CA TRP A 31 -10.56 10.05 -14.52
C TRP A 31 -9.82 8.94 -15.30
N ILE A 32 -10.21 7.69 -15.08
CA ILE A 32 -9.65 6.55 -15.81
C ILE A 32 -9.93 6.69 -17.31
N ASP A 33 -11.17 7.00 -17.64
CA ASP A 33 -11.60 7.12 -19.04
C ASP A 33 -11.09 8.39 -19.71
N ALA A 34 -11.07 9.48 -18.97
CA ALA A 34 -10.52 10.74 -19.50
C ALA A 34 -9.03 10.63 -19.78
N ASN A 35 -8.34 9.76 -19.04
CA ASN A 35 -6.92 9.49 -19.29
C ASN A 35 -6.69 8.20 -20.07
N GLY A 36 -7.78 7.50 -20.38
CA GLY A 36 -7.75 6.26 -21.17
C GLY A 36 -6.92 5.15 -20.57
N LEU A 37 -7.01 4.99 -19.25
CA LEU A 37 -6.15 4.06 -18.53
C LEU A 37 -6.66 2.63 -18.51
N ALA A 38 -7.92 2.43 -18.90
CA ALA A 38 -8.47 1.09 -19.08
C ALA A 38 -9.14 0.97 -20.45
N PRO A 39 -8.34 0.79 -21.51
CA PRO A 39 -8.89 0.71 -22.86
C PRO A 39 -9.45 -0.68 -23.23
N THR A 40 -8.91 -1.73 -22.62
CA THR A 40 -9.34 -3.11 -22.90
C THR A 40 -10.36 -3.60 -21.89
N GLU A 41 -11.31 -4.42 -22.37
CA GLU A 41 -12.38 -4.94 -21.53
C GLU A 41 -11.86 -5.85 -20.41
N ARG A 42 -10.80 -6.61 -20.69
CA ARG A 42 -10.18 -7.49 -19.70
C ARG A 42 -9.72 -6.68 -18.48
N ALA A 43 -9.05 -5.56 -18.73
CA ALA A 43 -8.56 -4.68 -17.67
C ALA A 43 -9.71 -3.96 -16.96
N ARG A 44 -10.72 -3.56 -17.74
CA ARG A 44 -11.92 -2.90 -17.22
C ARG A 44 -12.69 -3.82 -16.28
N ASP A 45 -12.85 -5.08 -16.68
CA ASP A 45 -13.53 -6.07 -15.88
C ASP A 45 -12.73 -6.41 -14.61
N ARG A 46 -11.42 -6.58 -14.77
CA ARG A 46 -10.54 -6.95 -13.65
C ARG A 46 -10.40 -5.82 -12.63
N MET A 47 -10.51 -4.57 -13.10
CA MET A 47 -10.54 -3.40 -12.23
C MET A 47 -11.63 -3.52 -11.17
N ARG A 48 -12.87 -3.68 -11.61
CA ARG A 48 -14.01 -3.80 -10.69
C ARG A 48 -14.09 -5.16 -10.01
N ARG A 49 -13.49 -6.18 -10.62
CA ARG A 49 -13.49 -7.53 -10.04
C ARG A 49 -12.58 -7.70 -8.83
N THR A 50 -11.42 -7.04 -8.86
CA THR A 50 -10.47 -7.08 -7.73
C THR A 50 -10.90 -6.15 -6.58
N GLY A 51 -11.74 -5.17 -6.91
CA GLY A 51 -12.30 -4.25 -5.90
C GLY A 51 -11.38 -3.09 -5.60
N ALA A 52 -10.78 -2.53 -6.65
CA ALA A 52 -9.82 -1.43 -6.52
C ALA A 52 -10.38 -0.23 -5.74
N ASP A 53 -11.62 0.15 -6.03
CA ASP A 53 -12.26 1.29 -5.34
C ASP A 53 -12.59 1.01 -3.87
N LEU A 54 -13.19 -0.16 -3.61
CA LEU A 54 -13.54 -0.56 -2.24
C LEU A 54 -12.27 -0.58 -1.38
N SER A 55 -11.19 -1.09 -1.96
CA SER A 55 -9.86 -1.10 -1.35
C SER A 55 -9.50 0.26 -0.75
N GLY A 56 -9.72 1.33 -1.53
CA GLY A 56 -9.45 2.69 -1.07
C GLY A 56 -10.30 3.10 0.13
N ALA A 57 -11.58 2.72 0.12
CA ALA A 57 -12.48 3.03 1.22
C ALA A 57 -12.03 2.42 2.55
N TYR A 58 -11.28 1.32 2.48
CA TYR A 58 -10.73 0.68 3.69
C TYR A 58 -9.32 1.16 4.06
N VAL A 59 -8.59 1.73 3.09
CA VAL A 59 -7.26 2.28 3.35
C VAL A 59 -7.35 3.65 4.03
N TRP A 60 -8.32 4.45 3.58
CA TRP A 60 -8.52 5.82 4.06
C TRP A 60 -9.96 6.02 4.56
N PRO A 61 -10.39 5.25 5.58
CA PRO A 61 -11.79 5.34 5.97
C PRO A 61 -12.19 6.70 6.56
N ARG A 62 -11.20 7.47 7.02
CA ARG A 62 -11.48 8.74 7.69
C ARG A 62 -11.36 9.94 6.76
N ALA A 63 -11.00 9.70 5.49
CA ALA A 63 -10.70 10.79 4.57
C ALA A 63 -11.95 11.51 4.06
N ASP A 64 -11.80 12.80 3.79
CA ASP A 64 -12.83 13.58 3.10
C ASP A 64 -12.93 13.11 1.63
N LEU A 65 -14.00 13.52 0.96
CA LEU A 65 -14.23 13.12 -0.43
C LEU A 65 -13.04 13.38 -1.37
N ASP A 66 -12.46 14.56 -1.28
CA ASP A 66 -11.36 14.93 -2.17
C ASP A 66 -10.09 14.09 -1.96
N THR A 67 -9.79 13.80 -0.70
CA THR A 67 -8.64 12.94 -0.37
C THR A 67 -8.87 11.50 -0.86
N LEU A 68 -10.04 10.94 -0.60
CA LEU A 68 -10.35 9.59 -1.11
C LEU A 68 -10.23 9.52 -2.64
N THR A 69 -10.67 10.57 -3.31
CA THR A 69 -10.63 10.68 -4.76
C THR A 69 -9.22 10.61 -5.34
N ILE A 70 -8.30 11.43 -4.82
CA ILE A 70 -6.89 11.35 -5.21
C ILE A 70 -6.30 9.96 -4.92
N GLY A 71 -6.67 9.39 -3.78
CA GLY A 71 -6.20 8.06 -3.41
C GLY A 71 -6.60 7.00 -4.42
N LEU A 72 -7.87 7.04 -4.82
CA LEU A 72 -8.40 6.10 -5.81
C LEU A 72 -7.74 6.25 -7.16
N LYS A 73 -7.32 7.47 -7.51
CA LYS A 73 -6.56 7.69 -8.73
C LYS A 73 -5.21 6.97 -8.68
N TRP A 74 -4.52 7.07 -7.54
CA TRP A 74 -3.23 6.41 -7.34
C TRP A 74 -3.36 4.88 -7.42
N ILE A 75 -4.40 4.34 -6.81
CA ILE A 75 -4.69 2.91 -6.89
C ILE A 75 -4.95 2.48 -8.35
N ALA A 76 -5.84 3.21 -9.02
CA ALA A 76 -6.16 2.98 -10.43
C ALA A 76 -4.93 2.99 -11.34
N LEU A 77 -4.05 3.99 -11.16
CA LEU A 77 -2.84 4.09 -11.97
C LEU A 77 -1.88 2.93 -11.69
N THR A 78 -1.79 2.54 -10.42
CA THR A 78 -0.91 1.45 -9.98
C THR A 78 -1.36 0.14 -10.61
N PHE A 79 -2.69 -0.06 -10.65
CA PHE A 79 -3.30 -1.18 -11.37
C PHE A 79 -2.85 -1.23 -12.83
N ARG A 80 -2.91 -0.10 -13.53
CA ARG A 80 -2.46 -0.01 -14.92
C ARG A 80 -0.96 -0.30 -15.09
N ILE A 81 -0.13 0.31 -14.22
CA ILE A 81 1.32 0.07 -14.21
C ILE A 81 1.62 -1.41 -14.09
N ASP A 82 0.94 -2.06 -13.14
CA ASP A 82 1.06 -3.50 -12.92
C ASP A 82 0.56 -4.29 -14.12
N ASP A 83 -0.53 -3.81 -14.72
CA ASP A 83 -1.23 -4.49 -15.81
C ASP A 83 -0.36 -4.61 -17.06
N GLN A 84 0.21 -3.47 -17.49
CA GLN A 84 1.04 -3.44 -18.70
C GLN A 84 2.47 -3.97 -18.49
N ILE A 85 2.85 -4.16 -17.23
CA ILE A 85 4.09 -4.87 -16.92
C ILE A 85 3.92 -6.37 -17.18
N ASP A 86 2.72 -6.87 -16.88
CA ASP A 86 2.40 -8.30 -17.03
C ASP A 86 2.42 -8.82 -18.46
N GLU A 87 2.35 -7.92 -19.44
CA GLU A 87 2.42 -8.30 -20.86
C GLU A 87 3.83 -8.70 -21.30
N ASP A 88 4.79 -8.59 -20.37
CA ASP A 88 6.15 -9.08 -20.56
C ASP A 88 6.39 -10.33 -19.72
N PRO A 95 12.26 -8.81 -20.01
CA PRO A 95 13.38 -8.28 -19.23
C PRO A 95 13.89 -6.92 -19.73
N ALA A 96 13.25 -6.39 -20.77
CA ALA A 96 13.57 -5.07 -21.31
C ALA A 96 12.71 -3.97 -20.67
N ARG A 97 11.88 -4.38 -19.71
CA ARG A 97 10.93 -3.49 -19.02
C ARG A 97 11.59 -2.67 -17.91
N MET A 98 12.86 -2.95 -17.63
CA MET A 98 13.66 -2.17 -16.66
C MET A 98 13.67 -0.68 -17.04
N THR A 99 13.73 -0.40 -18.35
CA THR A 99 13.75 0.97 -18.87
C THR A 99 12.46 1.73 -18.57
N ALA A 100 11.33 1.02 -18.66
CA ALA A 100 10.02 1.60 -18.34
C ALA A 100 9.89 2.01 -16.86
N ILE A 101 10.44 1.20 -15.96
CA ILE A 101 10.43 1.53 -14.53
C ILE A 101 11.32 2.75 -14.23
N ASP A 102 12.50 2.78 -14.85
CA ASP A 102 13.42 3.90 -14.71
C ASP A 102 12.82 5.21 -15.25
N GLU A 103 12.03 5.09 -16.32
CA GLU A 103 11.30 6.24 -16.87
C GLU A 103 10.24 6.74 -15.89
N LEU A 104 9.45 5.84 -15.33
CA LEU A 104 8.47 6.18 -14.30
C LEU A 104 9.12 6.89 -13.13
N ARG A 105 10.25 6.35 -12.66
CA ARG A 105 11.00 6.92 -11.54
C ARG A 105 11.45 8.36 -11.80
N GLY A 106 11.97 8.61 -13.00
CA GLY A 106 12.35 9.96 -13.45
C GLY A 106 11.25 10.99 -13.33
N THR A 107 10.01 10.61 -13.71
CA THR A 107 8.87 11.56 -13.65
C THR A 107 8.65 12.10 -12.24
N LEU A 108 9.03 11.30 -11.23
CA LEU A 108 8.93 11.71 -9.83
C LEU A 108 9.98 12.77 -9.47
N HIS A 109 11.00 12.92 -10.31
CA HIS A 109 12.01 13.96 -10.06
C HIS A 109 12.01 15.05 -11.15
N GLY A 110 10.86 15.20 -11.82
CA GLY A 110 10.65 16.29 -12.77
C GLY A 110 11.29 16.10 -14.13
N LEU A 111 11.68 14.88 -14.48
CA LEU A 111 12.29 14.60 -15.78
C LEU A 111 11.18 14.58 -16.83
N PRO A 112 11.22 15.47 -17.84
CA PRO A 112 10.23 15.40 -18.91
C PRO A 112 10.35 14.09 -19.70
N VAL A 113 9.23 13.60 -20.22
CA VAL A 113 9.21 12.34 -20.96
C VAL A 113 9.51 12.56 -22.46
N SER A 114 10.42 11.77 -23.01
CA SER A 114 10.81 11.93 -24.41
C SER A 114 9.77 11.35 -25.37
N GLY A 115 9.41 10.09 -25.18
CA GLY A 115 8.49 9.39 -26.06
C GLY A 115 7.05 9.81 -25.84
N ARG A 116 6.12 9.07 -26.45
CA ARG A 116 4.70 9.31 -26.24
C ARG A 116 4.27 8.80 -24.87
N SER A 117 4.49 7.51 -24.60
CA SER A 117 4.33 6.92 -23.26
C SER A 117 3.05 7.32 -22.51
N PRO A 118 1.91 6.64 -22.81
CA PRO A 118 0.65 7.08 -22.17
C PRO A 118 0.65 7.02 -20.64
N THR A 119 1.02 5.89 -20.06
CA THR A 119 1.02 5.71 -18.60
C THR A 119 2.05 6.58 -17.88
N ALA A 120 3.24 6.71 -18.47
CA ALA A 120 4.34 7.48 -17.88
C ALA A 120 4.02 8.97 -17.74
N ARG A 121 3.19 9.49 -18.66
CA ARG A 121 2.73 10.88 -18.58
C ARG A 121 1.55 11.03 -17.61
N ALA A 122 0.72 9.99 -17.52
CA ALA A 122 -0.36 9.96 -16.51
C ALA A 122 0.21 10.02 -15.10
N LEU A 123 1.30 9.29 -14.84
CA LEU A 123 2.01 9.40 -13.57
C LEU A 123 2.54 10.80 -13.35
N GLY A 124 3.21 11.35 -14.37
CA GLY A 124 3.76 12.71 -14.31
C GLY A 124 2.73 13.75 -13.90
N ALA A 125 1.54 13.64 -14.51
CA ALA A 125 0.41 14.54 -14.22
C ALA A 125 -0.15 14.37 -12.81
N LEU A 126 -0.32 13.13 -12.39
CA LEU A 126 -0.90 12.80 -11.07
C LEU A 126 0.09 13.16 -9.97
N TRP A 127 1.36 12.82 -10.20
CA TRP A 127 2.47 13.27 -9.36
C TRP A 127 2.50 14.80 -9.19
N GLN A 128 2.47 15.52 -10.31
CA GLN A 128 2.44 16.98 -10.30
C GLN A 128 1.26 17.51 -9.45
N GLU A 129 0.05 16.98 -9.69
CA GLU A 129 -1.15 17.39 -8.94
C GLU A 129 -1.08 17.05 -7.43
N THR A 130 -0.47 15.91 -7.09
CA THR A 130 -0.33 15.45 -5.70
C THR A 130 0.74 16.24 -4.94
N ALA A 131 1.88 16.46 -5.58
CA ALA A 131 3.08 16.93 -4.88
C ALA A 131 3.24 18.44 -4.83
N LEU A 132 2.94 19.11 -5.93
CA LEU A 132 3.18 20.56 -6.02
C LEU A 132 2.35 21.28 -4.95
N GLY A 133 3.00 22.19 -4.23
CA GLY A 133 2.36 22.94 -3.15
C GLY A 133 2.18 22.20 -1.82
N ARG A 134 2.72 20.98 -1.74
CA ARG A 134 2.77 20.25 -0.47
C ARG A 134 4.15 20.45 0.16
N PRO A 135 4.28 20.28 1.50
CA PRO A 135 5.60 20.43 2.12
C PRO A 135 6.62 19.47 1.49
N ALA A 136 7.81 19.97 1.13
CA ALA A 136 8.88 19.11 0.61
C ALA A 136 9.10 17.87 1.49
N THR A 137 9.04 18.04 2.82
CA THR A 137 9.34 16.95 3.74
C THR A 137 8.39 15.76 3.52
N TRP A 138 7.12 16.07 3.34
CA TRP A 138 6.11 15.05 3.00
C TRP A 138 6.37 14.45 1.62
N CYS A 139 6.61 15.31 0.63
CA CYS A 139 6.83 14.85 -0.75
C CYS A 139 7.95 13.84 -0.79
N ASP A 140 9.03 14.13 -0.07
CA ASP A 140 10.23 13.28 -0.09
C ASP A 140 9.89 11.88 0.46
N ALA A 141 9.14 11.85 1.56
CA ALA A 141 8.68 10.60 2.16
C ALA A 141 7.82 9.79 1.18
N PHE A 142 6.79 10.43 0.62
CA PHE A 142 5.92 9.80 -0.38
C PHE A 142 6.66 9.26 -1.61
N ILE A 143 7.53 10.08 -2.23
CA ILE A 143 8.31 9.64 -3.41
C ILE A 143 9.25 8.49 -3.07
N GLY A 144 9.94 8.59 -1.93
CA GLY A 144 10.81 7.52 -1.45
C GLY A 144 10.08 6.18 -1.31
N HIS A 145 8.87 6.22 -0.72
CA HIS A 145 8.07 4.99 -0.59
C HIS A 145 7.48 4.49 -1.91
N PHE A 146 6.97 5.42 -2.74
CA PHE A 146 6.43 5.04 -4.05
C PHE A 146 7.52 4.52 -4.99
N GLU A 147 8.71 5.09 -4.89
CA GLU A 147 9.86 4.59 -5.65
C GLU A 147 10.32 3.21 -5.21
N ALA A 148 10.38 2.98 -3.90
CA ALA A 148 10.71 1.66 -3.34
C ALA A 148 9.77 0.61 -3.92
N PHE A 149 8.49 0.95 -3.95
CA PHE A 149 7.43 0.12 -4.51
C PHE A 149 7.73 -0.24 -5.98
N LEU A 150 7.97 0.78 -6.79
CA LEU A 150 8.29 0.59 -8.21
C LEU A 150 9.56 -0.25 -8.41
N GLN A 151 10.55 -0.04 -7.55
CA GLN A 151 11.82 -0.77 -7.61
C GLN A 151 11.64 -2.26 -7.36
N THR A 152 10.66 -2.64 -6.54
CA THR A 152 10.40 -4.06 -6.30
C THR A 152 10.06 -4.81 -7.59
N TYR A 153 9.56 -4.10 -8.61
CA TYR A 153 9.31 -4.68 -9.93
C TYR A 153 10.57 -5.12 -10.67
N THR A 154 11.65 -4.34 -10.54
CA THR A 154 12.93 -4.65 -11.18
C THR A 154 13.71 -5.70 -10.40
N THR A 155 13.61 -5.61 -9.07
CA THR A 155 14.17 -6.59 -8.14
C THR A 155 13.53 -7.96 -8.41
N GLU A 156 12.21 -7.98 -8.48
CA GLU A 156 11.41 -9.21 -8.57
C GLU A 156 11.45 -9.85 -9.96
N ALA A 157 11.84 -9.08 -10.98
CA ALA A 157 12.05 -9.60 -12.32
C ALA A 157 13.49 -10.06 -12.54
N GLY A 158 14.42 -9.41 -11.83
CA GLY A 158 15.83 -9.82 -11.82
C GLY A 158 16.05 -11.13 -11.08
N LEU A 159 15.29 -11.34 -10.01
CA LEU A 159 15.30 -12.60 -9.26
C LEU A 159 14.61 -13.75 -10.00
N ASN A 160 13.86 -13.41 -11.06
CA ASN A 160 13.21 -14.41 -11.90
C ASN A 160 14.03 -14.74 -13.14
N LEU A 166 14.98 -17.75 -3.37
CA LEU A 166 14.43 -16.59 -2.67
C LEU A 166 14.46 -16.78 -1.15
N ARG A 167 15.11 -15.85 -0.46
CA ARG A 167 15.31 -15.94 0.99
C ARG A 167 14.19 -15.23 1.77
N LEU A 168 13.78 -15.78 2.91
CA LEU A 168 12.65 -15.24 3.68
C LEU A 168 12.89 -13.82 4.20
N ASP A 169 13.84 -13.70 5.14
CA ASP A 169 14.22 -12.42 5.74
C ASP A 169 14.42 -11.30 4.71
N ASP A 170 15.03 -11.66 3.57
CA ASP A 170 15.27 -10.70 2.50
C ASP A 170 13.97 -10.36 1.76
N TYR A 171 13.09 -11.34 1.62
CA TYR A 171 11.78 -11.13 1.01
C TYR A 171 10.90 -10.18 1.84
N LEU A 172 10.88 -10.38 3.15
CA LEU A 172 10.14 -9.50 4.05
C LEU A 172 10.60 -8.03 3.91
N ASP A 173 11.91 -7.80 3.85
CA ASP A 173 12.47 -6.46 3.65
C ASP A 173 11.90 -5.77 2.40
N ARG A 174 11.78 -6.54 1.31
CA ARG A 174 11.23 -6.05 0.04
C ARG A 174 9.71 -5.93 0.08
N ARG A 175 9.07 -6.94 0.66
CA ARG A 175 7.61 -7.07 0.71
C ARG A 175 6.91 -5.91 1.43
N MET A 176 7.54 -5.39 2.48
CA MET A 176 7.04 -4.21 3.19
C MET A 176 6.75 -3.06 2.21
N TYR A 177 7.56 -2.96 1.16
CA TYR A 177 7.37 -1.91 0.17
C TYR A 177 6.53 -2.36 -1.04
N SER A 178 6.67 -3.62 -1.46
CA SER A 178 5.92 -4.11 -2.62
C SER A 178 4.41 -4.13 -2.38
N VAL A 179 4.01 -4.31 -1.10
CA VAL A 179 2.59 -4.33 -0.73
C VAL A 179 1.98 -2.94 -0.92
N GLY A 180 2.82 -1.91 -0.87
CA GLY A 180 2.41 -0.55 -1.21
C GLY A 180 1.89 0.27 -0.05
N MET A 181 1.65 -0.37 1.09
CA MET A 181 1.15 0.33 2.26
C MET A 181 1.89 1.57 2.69
N PRO A 182 3.24 1.56 2.68
CA PRO A 182 3.91 2.80 3.12
C PRO A 182 3.55 4.06 2.30
N TRP A 183 3.52 3.96 0.97
CA TRP A 183 3.08 5.13 0.20
C TRP A 183 1.56 5.37 0.33
N LEU A 184 0.75 4.31 0.46
CA LEU A 184 -0.68 4.50 0.70
C LEU A 184 -0.94 5.29 1.99
N TRP A 185 -0.18 4.99 3.05
CA TRP A 185 -0.36 5.70 4.32
C TRP A 185 0.20 7.10 4.28
N ASP A 186 1.27 7.31 3.52
CA ASP A 186 1.73 8.69 3.31
C ASP A 186 0.58 9.60 2.83
N LEU A 187 -0.22 9.09 1.91
CA LEU A 187 -1.38 9.83 1.36
C LEU A 187 -2.47 10.18 2.40
N ASP A 188 -2.60 9.38 3.46
CA ASP A 188 -3.54 9.69 4.55
C ASP A 188 -3.26 11.06 5.19
N GLU A 189 -2.01 11.52 5.12
CA GLU A 189 -1.64 12.81 5.71
C GLU A 189 -2.38 13.97 5.05
N LEU A 190 -2.81 13.76 3.81
CA LEU A 190 -3.54 14.76 3.05
C LEU A 190 -4.88 15.16 3.68
N ARG A 191 -5.47 14.26 4.47
CA ARG A 191 -6.74 14.53 5.14
C ARG A 191 -6.62 15.03 6.58
N LEU A 192 -5.41 15.01 7.13
CA LEU A 192 -5.21 15.47 8.52
C LEU A 192 -5.26 16.99 8.61
N PRO A 193 -5.57 17.55 9.80
CA PRO A 193 -5.58 19.01 9.94
C PRO A 193 -4.21 19.63 9.69
N ILE A 194 -3.16 18.86 9.95
CA ILE A 194 -1.79 19.26 9.60
C ILE A 194 -0.97 18.03 9.22
N PHE A 195 0.14 18.23 8.51
CA PHE A 195 1.06 17.12 8.24
C PHE A 195 1.78 16.68 9.52
N LEU A 196 2.15 15.41 9.61
CA LEU A 196 3.01 14.95 10.71
C LEU A 196 4.32 15.76 10.66
N PRO A 197 4.81 16.23 11.82
CA PRO A 197 6.18 16.74 11.84
C PRO A 197 7.16 15.65 11.41
N GLY A 198 8.30 16.06 10.82
CA GLY A 198 9.38 15.12 10.49
C GLY A 198 9.74 14.22 11.66
N SER A 199 9.86 14.83 12.85
CA SER A 199 10.28 14.11 14.06
C SER A 199 9.33 12.99 14.45
N VAL A 200 8.10 13.06 13.94
CA VAL A 200 7.05 12.06 14.23
C VAL A 200 6.99 11.04 13.11
N ARG A 201 7.00 11.53 11.86
CA ARG A 201 6.90 10.62 10.71
C ARG A 201 7.93 9.48 10.74
N THR A 202 9.14 9.81 11.21
CA THR A 202 10.26 8.86 11.21
C THR A 202 10.81 8.54 12.60
N CYS A 203 10.01 8.71 13.66
CA CYS A 203 10.46 8.33 15.00
C CYS A 203 10.43 6.80 15.10
N GLY A 204 11.17 6.24 16.06
CA GLY A 204 11.26 4.78 16.23
C GLY A 204 9.91 4.09 16.30
N PRO A 205 9.03 4.55 17.21
CA PRO A 205 7.73 3.86 17.25
C PRO A 205 6.92 3.92 15.94
N MET A 206 6.94 5.06 15.22
CA MET A 206 6.21 5.15 13.94
C MET A 206 6.80 4.25 12.85
N ASN A 207 8.14 4.17 12.78
CA ASN A 207 8.80 3.23 11.87
C ASN A 207 8.43 1.78 12.16
N LYS A 208 8.40 1.41 13.45
CA LYS A 208 8.09 0.05 13.91
C LYS A 208 6.64 -0.32 13.52
N LEU A 209 5.74 0.65 13.74
CA LEU A 209 4.33 0.50 13.37
C LEU A 209 4.14 0.37 11.86
N ARG A 210 4.79 1.25 11.09
CA ARG A 210 4.71 1.19 9.64
C ARG A 210 5.17 -0.17 9.09
N ARG A 211 6.31 -0.66 9.56
CA ARG A 211 6.84 -1.95 9.07
C ARG A 211 5.90 -3.10 9.46
N ALA A 212 5.51 -3.14 10.73
CA ALA A 212 4.70 -4.26 11.23
C ALA A 212 3.31 -4.28 10.57
N GLY A 213 2.70 -3.09 10.47
CA GLY A 213 1.44 -2.91 9.77
C GLY A 213 1.46 -3.37 8.32
N ALA A 214 2.46 -2.87 7.55
CA ALA A 214 2.67 -3.28 6.16
C ALA A 214 2.86 -4.80 6.03
N LEU A 215 3.69 -5.39 6.88
CA LEU A 215 3.97 -6.83 6.82
C LEU A 215 2.76 -7.68 7.21
N HIS A 216 1.98 -7.24 8.21
CA HIS A 216 0.77 -7.96 8.60
C HIS A 216 -0.17 -8.10 7.40
N ILE A 217 -0.38 -6.98 6.69
CA ILE A 217 -1.26 -6.93 5.54
C ILE A 217 -0.71 -7.76 4.37
N ALA A 218 0.58 -7.64 4.12
CA ALA A 218 1.24 -8.39 3.04
C ALA A 218 1.16 -9.92 3.25
N LEU A 219 1.38 -10.36 4.49
CA LEU A 219 1.44 -11.77 4.81
C LEU A 219 0.06 -12.39 4.76
N VAL A 220 -0.95 -11.64 5.22
CA VAL A 220 -2.36 -12.02 5.05
C VAL A 220 -2.69 -12.15 3.55
N ASN A 221 -2.18 -11.21 2.75
CA ASN A 221 -2.31 -11.29 1.28
C ASN A 221 -1.65 -12.51 0.65
N ASP A 222 -0.48 -12.89 1.15
CA ASP A 222 0.22 -14.09 0.69
C ASP A 222 -0.63 -15.35 0.93
N VAL A 223 -1.27 -15.44 2.09
CA VAL A 223 -2.13 -16.58 2.42
C VAL A 223 -3.37 -16.64 1.52
N PHE A 224 -4.04 -15.50 1.34
CA PHE A 224 -5.20 -15.44 0.44
C PHE A 224 -4.82 -15.68 -1.02
N SER A 225 -3.56 -15.38 -1.39
CA SER A 225 -3.09 -15.50 -2.78
C SER A 225 -2.66 -16.88 -3.22
N VAL A 226 -2.08 -17.66 -2.31
CA VAL A 226 -1.35 -18.88 -2.63
C VAL A 226 -2.16 -19.95 -3.40
N GLU A 227 -3.49 -19.83 -3.36
CA GLU A 227 -4.39 -20.67 -4.17
C GLU A 227 -4.18 -20.42 -5.66
N ARG A 228 -4.17 -19.13 -6.04
CA ARG A 228 -3.97 -18.69 -7.42
C ARG A 228 -2.63 -19.18 -7.99
N GLU A 229 -1.57 -19.06 -7.21
CA GLU A 229 -0.23 -19.42 -7.64
C GLU A 229 -0.02 -20.93 -7.67
N GLN A 235 8.13 -18.19 -7.16
CA GLN A 235 7.00 -17.45 -6.59
C GLN A 235 7.41 -16.60 -5.39
N HIS A 236 7.06 -15.31 -5.44
CA HIS A 236 7.38 -14.40 -4.37
C HIS A 236 6.22 -14.30 -3.40
N ASN A 237 6.22 -15.19 -2.41
CA ASN A 237 5.12 -15.36 -1.46
C ASN A 237 5.64 -16.14 -0.25
N ALA A 238 5.35 -15.64 0.95
CA ALA A 238 5.85 -16.24 2.19
C ALA A 238 5.54 -17.74 2.35
N VAL A 239 4.33 -18.17 2.02
CA VAL A 239 4.00 -19.60 2.16
C VAL A 239 4.74 -20.50 1.16
N THR A 240 4.89 -20.03 -0.09
CA THR A 240 5.66 -20.78 -1.10
C THR A 240 7.17 -20.84 -0.78
N ILE A 241 7.72 -19.73 -0.27
CA ILE A 241 9.12 -19.66 0.13
C ILE A 241 9.44 -20.65 1.27
N ILE A 242 8.54 -20.72 2.25
CA ILE A 242 8.66 -21.64 3.36
C ILE A 242 8.42 -23.09 2.91
N ARG A 243 7.59 -23.27 1.89
CA ARG A 243 7.26 -24.59 1.36
C ARG A 243 8.46 -25.24 0.67
N GLU A 244 8.96 -24.60 -0.40
CA GLU A 244 10.10 -25.11 -1.14
C GLU A 244 11.43 -24.68 -0.53
N ALA A 245 11.55 -24.93 0.78
CA ALA A 245 12.80 -24.81 1.50
C ALA A 245 12.82 -25.94 2.53
N GLN A 246 11.74 -26.05 3.29
CA GLN A 246 11.55 -27.14 4.23
C GLN A 246 11.02 -28.40 3.56
N GLY A 247 10.16 -28.23 2.55
CA GLY A 247 9.61 -29.35 1.81
C GLY A 247 8.38 -29.99 2.43
N CYS A 248 7.89 -29.43 3.54
CA CYS A 248 6.72 -29.98 4.21
C CYS A 248 5.40 -29.48 3.61
N SER A 249 4.29 -29.80 4.27
CA SER A 249 2.94 -29.56 3.76
C SER A 249 2.61 -28.10 3.43
N LEU A 250 1.67 -27.93 2.51
CA LEU A 250 1.11 -26.62 2.19
C LEU A 250 0.41 -26.03 3.42
N GLN A 251 -0.34 -26.88 4.13
CA GLN A 251 -1.00 -26.49 5.38
C GLN A 251 0.01 -26.10 6.45
N GLU A 252 1.08 -26.88 6.57
CA GLU A 252 2.17 -26.59 7.50
C GLU A 252 2.90 -25.27 7.17
N ALA A 253 2.91 -24.90 5.89
CA ALA A 253 3.51 -23.64 5.45
C ALA A 253 2.60 -22.47 5.80
N VAL A 254 1.31 -22.61 5.50
CA VAL A 254 0.29 -21.62 5.86
C VAL A 254 0.24 -21.40 7.38
N ASP A 255 0.36 -22.49 8.14
CA ASP A 255 0.43 -22.45 9.61
C ASP A 255 1.55 -21.56 10.13
N GLN A 256 2.73 -21.72 9.54
CA GLN A 256 3.90 -20.95 9.95
C GLN A 256 3.79 -19.48 9.56
N VAL A 257 3.12 -19.20 8.46
CA VAL A 257 2.86 -17.79 8.06
C VAL A 257 1.85 -17.17 9.02
N ALA A 258 0.88 -17.96 9.48
CA ALA A 258 -0.07 -17.52 10.51
C ALA A 258 0.67 -17.08 11.79
N VAL A 259 1.67 -17.86 12.20
CA VAL A 259 2.54 -17.48 13.32
C VAL A 259 3.25 -16.15 13.01
N LEU A 260 3.77 -16.00 11.80
CA LEU A 260 4.43 -14.75 11.40
C LEU A 260 3.48 -13.55 11.46
N VAL A 261 2.25 -13.72 10.95
CA VAL A 261 1.19 -12.71 11.03
C VAL A 261 0.92 -12.27 12.48
N GLU A 262 0.82 -13.24 13.38
CA GLU A 262 0.59 -12.98 14.81
C GLU A 262 1.70 -12.15 15.43
N ALA A 263 2.95 -12.49 15.10
CA ALA A 263 4.13 -11.69 15.50
C ALA A 263 4.01 -10.22 15.09
N GLN A 264 3.58 -9.99 13.84
CA GLN A 264 3.43 -8.62 13.33
C GLN A 264 2.35 -7.88 14.11
N LEU A 265 1.28 -8.59 14.47
CA LEU A 265 0.20 -7.96 15.24
C LEU A 265 0.62 -7.54 16.66
N HIS A 266 1.34 -8.43 17.36
CA HIS A 266 1.98 -8.11 18.64
C HIS A 266 2.85 -6.84 18.53
N THR A 267 3.67 -6.76 17.46
CA THR A 267 4.53 -5.59 17.22
C THR A 267 3.72 -4.30 16.93
N VAL A 268 2.66 -4.41 16.12
CA VAL A 268 1.71 -3.29 15.91
C VAL A 268 1.21 -2.71 17.25
N LEU A 269 0.74 -3.59 18.13
CA LEU A 269 0.21 -3.19 19.44
C LEU A 269 1.28 -2.55 20.32
N GLN A 270 2.48 -3.14 20.34
CA GLN A 270 3.58 -2.60 21.13
C GLN A 270 3.97 -1.20 20.61
N ALA A 271 4.07 -1.08 19.30
CA ALA A 271 4.50 0.18 18.68
C ALA A 271 3.54 1.32 18.97
N ARG A 272 2.23 1.02 18.97
CA ARG A 272 1.23 2.05 19.21
C ARG A 272 1.28 2.58 20.63
N GLN A 273 1.57 1.69 21.57
CA GLN A 273 1.73 2.07 22.96
C GLN A 273 2.99 2.92 23.09
N GLU A 274 4.08 2.47 22.48
CA GLU A 274 5.35 3.21 22.48
C GLU A 274 5.20 4.57 21.79
N LEU A 275 4.37 4.62 20.76
CA LEU A 275 4.13 5.87 20.04
C LEU A 275 3.48 6.94 20.94
N LEU A 276 2.47 6.56 21.72
CA LEU A 276 1.88 7.55 22.62
C LEU A 276 2.90 8.12 23.61
N GLU A 277 3.74 7.24 24.18
CA GLU A 277 4.78 7.67 25.12
C GLU A 277 5.79 8.60 24.42
N GLU A 278 6.14 8.29 23.18
CA GLU A 278 7.09 9.09 22.39
C GLU A 278 6.52 10.48 22.07
N LEU A 279 5.23 10.51 21.72
CA LEU A 279 4.55 11.77 21.44
C LEU A 279 4.48 12.68 22.66
N ASP A 280 4.26 12.09 23.83
CA ASP A 280 4.26 12.84 25.09
C ASP A 280 5.63 13.41 25.46
N ARG A 281 6.68 12.63 25.16
CA ARG A 281 8.10 13.05 25.32
C ARG A 281 8.49 14.23 24.44
N GLN A 282 8.11 14.16 23.16
CA GLN A 282 8.51 15.21 22.20
C GLN A 282 7.83 16.54 22.48
N ALA A 283 8.54 17.62 22.15
CA ALA A 283 7.97 18.96 22.27
C ALA A 283 7.11 19.17 21.01
N LEU A 284 5.80 19.04 21.15
CA LEU A 284 4.87 19.15 20.00
C LEU A 284 3.65 20.02 20.33
N PRO A 285 3.18 20.82 19.35
CA PRO A 285 1.90 21.51 19.58
C PRO A 285 0.79 20.48 19.67
N SER A 286 -0.27 20.76 20.41
CA SER A 286 -1.30 19.76 20.65
C SER A 286 -1.88 19.23 19.34
N ARG A 287 -2.02 20.09 18.35
CA ARG A 287 -2.65 19.62 17.12
C ARG A 287 -1.79 18.65 16.29
N ALA A 288 -0.46 18.80 16.39
CA ALA A 288 0.47 17.82 15.85
C ALA A 288 0.39 16.46 16.57
N ARG A 289 0.36 16.47 17.91
CA ARG A 289 0.19 15.26 18.71
C ARG A 289 -1.12 14.58 18.28
N GLU A 290 -2.19 15.36 18.15
CA GLU A 290 -3.50 14.83 17.79
C GLU A 290 -3.55 14.22 16.40
N ALA A 291 -2.92 14.89 15.43
CA ALA A 291 -2.76 14.34 14.08
C ALA A 291 -2.00 13.00 14.08
N ALA A 292 -0.94 12.88 14.89
CA ALA A 292 -0.16 11.62 14.96
C ALA A 292 -0.98 10.46 15.54
N VAL A 293 -1.74 10.75 16.60
CA VAL A 293 -2.59 9.72 17.22
C VAL A 293 -3.60 9.20 16.18
N ASP A 294 -4.21 10.13 15.45
CA ASP A 294 -5.20 9.81 14.42
C ASP A 294 -4.63 8.95 13.27
N TYR A 295 -3.50 9.39 12.71
CA TYR A 295 -2.78 8.63 11.69
C TYR A 295 -2.50 7.19 12.13
N ALA A 296 -1.96 7.04 13.34
CA ALA A 296 -1.66 5.71 13.90
C ALA A 296 -2.90 4.82 14.01
N ALA A 297 -3.99 5.41 14.50
CA ALA A 297 -5.25 4.69 14.64
C ALA A 297 -5.79 4.27 13.27
N ASN A 298 -5.53 5.09 12.24
CA ASN A 298 -5.93 4.74 10.89
C ASN A 298 -5.12 3.57 10.34
N VAL A 299 -3.79 3.58 10.59
CA VAL A 299 -2.94 2.46 10.19
C VAL A 299 -3.51 1.17 10.78
N ALA A 300 -3.81 1.19 12.08
CA ALA A 300 -4.31 0.00 12.77
C ALA A 300 -5.65 -0.46 12.18
N ALA A 301 -6.53 0.49 11.89
CA ALA A 301 -7.85 0.20 11.30
C ALA A 301 -7.74 -0.59 9.98
N ASN A 302 -6.77 -0.23 9.13
CA ASN A 302 -6.47 -0.97 7.90
C ASN A 302 -6.33 -2.49 8.09
N LEU A 303 -5.78 -2.91 9.23
CA LEU A 303 -5.60 -4.34 9.48
C LEU A 303 -6.92 -5.10 9.64
N SER A 304 -7.97 -4.46 10.19
CA SER A 304 -9.32 -5.07 10.22
C SER A 304 -10.05 -4.89 8.89
N GLY A 305 -9.89 -3.71 8.28
CA GLY A 305 -10.47 -3.42 6.96
C GLY A 305 -10.12 -4.43 5.88
N GLN A 306 -8.86 -4.89 5.87
CA GLN A 306 -8.40 -5.86 4.87
C GLN A 306 -9.23 -7.12 4.89
N LEU A 307 -9.60 -7.54 6.09
CA LEU A 307 -10.28 -8.82 6.26
C LEU A 307 -11.65 -8.76 5.57
N VAL A 308 -12.33 -7.62 5.72
CA VAL A 308 -13.69 -7.48 5.22
C VAL A 308 -13.68 -7.24 3.71
N TRP A 309 -12.66 -6.51 3.25
CA TRP A 309 -12.40 -6.30 1.83
C TRP A 309 -12.19 -7.62 1.08
N HIS A 310 -11.42 -8.55 1.66
CA HIS A 310 -11.22 -9.85 1.03
C HIS A 310 -12.51 -10.64 0.94
N SER A 311 -13.26 -10.65 2.04
CA SER A 311 -14.57 -11.29 2.13
C SER A 311 -15.58 -10.73 1.13
N SER A 312 -15.48 -9.44 0.84
CA SER A 312 -16.36 -8.74 -0.09
C SER A 312 -16.10 -9.07 -1.55
N VAL A 313 -14.83 -9.25 -1.93
CA VAL A 313 -14.47 -9.52 -3.33
C VAL A 313 -14.64 -11.00 -3.74
N GLU A 314 -15.15 -11.82 -2.83
CA GLU A 314 -15.38 -13.24 -3.09
C GLU A 314 -16.77 -13.52 -3.64
N1 EPE B . -3.87 -3.18 -1.01
C2 EPE B . -4.65 -3.70 -2.15
C3 EPE B . -4.55 -2.63 -3.26
N4 EPE B . -3.11 -2.39 -3.57
C5 EPE B . -2.25 -2.08 -2.41
C6 EPE B . -2.43 -3.12 -1.29
C7 EPE B . -2.84 -1.56 -4.78
C8 EPE B . -1.56 -0.70 -4.67
O8 EPE B . -0.46 -1.56 -4.30
C9 EPE B . -4.32 -3.60 0.34
C10 EPE B . -5.31 -2.58 0.96
S EPE B . -6.29 -3.27 2.31
O1S EPE B . -5.68 -2.83 3.56
O2S EPE B . -7.69 -2.94 2.07
O3S EPE B . -6.08 -4.76 2.17
#